data_4TV5
#
_entry.id   4TV5
#
_cell.length_a   74.290
_cell.length_b   74.290
_cell.length_c   76.720
_cell.angle_alpha   90.000
_cell.angle_beta   90.000
_cell.angle_gamma   120.000
#
_symmetry.space_group_name_H-M   'P 3 1 2'
#
loop_
_entity.id
_entity.type
_entity.pdbx_description
1 polymer '2-dehydro-3-deoxyglucarate aldolase'
2 non-polymer 'CALCIUM ION'
3 water water
#
_entity_poly.entity_id   1
_entity_poly.type   'polypeptide(L)'
_entity_poly.pdbx_seq_one_letter_code
;MMQQLSLKHRLNNGDSVYGIFNSIPDPLMIEVIAASGYDFVVIDTEHVAINDETLAHLIRAAEAAHIIPIVRVTAVIDRD
IIKVLDMGARGIIVPHVKDRETVEHIVKLSRYYPQGLRSLNGGRMARFGRTPLLDAMEMANEHIMVIAMIEDVEGVMAID
DIAQVEGLDMIVEGAADLSQSLGIPWQTRDDQVTSHVQHIFEVVNAHGKHFCALPREDEDIAKWQAQGVQTFILGDDRGK
IYRHLSASLATSKQKGDEG
;
_entity_poly.pdbx_strand_id   A
#
loop_
_chem_comp.id
_chem_comp.type
_chem_comp.name
_chem_comp.formula
CA non-polymer 'CALCIUM ION' 'Ca 2'
#
# COMPACT_ATOMS: atom_id res chain seq x y z
N GLN A 4 -17.12 -6.87 -5.76
CA GLN A 4 -16.83 -5.52 -5.17
C GLN A 4 -15.46 -4.99 -5.56
N LEU A 5 -14.45 -5.88 -5.55
CA LEU A 5 -13.03 -5.51 -5.63
C LEU A 5 -12.64 -4.54 -4.51
N SER A 6 -13.14 -4.82 -3.31
CA SER A 6 -12.90 -3.99 -2.15
C SER A 6 -11.99 -4.71 -1.16
N LEU A 7 -10.84 -4.11 -0.91
CA LEU A 7 -9.91 -4.62 0.08
C LEU A 7 -10.54 -4.59 1.48
N LYS A 8 -11.29 -3.53 1.76
CA LYS A 8 -11.97 -3.37 3.05
C LYS A 8 -12.97 -4.52 3.26
N HIS A 9 -13.64 -4.93 2.19
CA HIS A 9 -14.60 -6.02 2.26
C HIS A 9 -13.90 -7.36 2.53
N ARG A 10 -12.79 -7.61 1.83
CA ARG A 10 -12.00 -8.83 2.02
C ARG A 10 -11.54 -8.98 3.47
N LEU A 11 -11.01 -7.90 4.03
CA LEU A 11 -10.53 -7.89 5.42
C LEU A 11 -11.63 -8.11 6.45
N ASN A 12 -12.86 -7.68 6.12
CA ASN A 12 -14.00 -7.82 7.00
C ASN A 12 -14.53 -9.24 7.15
N ASN A 13 -14.05 -10.16 6.31
CA ASN A 13 -14.45 -11.57 6.37
C ASN A 13 -13.51 -12.46 7.17
N GLY A 14 -12.32 -11.94 7.44
CA GLY A 14 -11.29 -12.69 8.16
C GLY A 14 -10.22 -13.24 7.23
N ASP A 15 -10.30 -12.86 5.96
CA ASP A 15 -9.37 -13.32 4.93
C ASP A 15 -7.96 -12.79 5.20
N SER A 16 -6.96 -13.57 4.79
CA SER A 16 -5.63 -13.03 4.56
C SER A 16 -5.52 -12.67 3.09
N VAL A 17 -4.89 -11.53 2.80
CA VAL A 17 -4.82 -11.02 1.43
C VAL A 17 -3.36 -10.72 1.08
N TYR A 18 -3.00 -10.99 -0.18
CA TYR A 18 -1.61 -10.92 -0.61
C TYR A 18 -1.48 -9.99 -1.79
N GLY A 19 -0.50 -9.11 -1.71
CA GLY A 19 -0.23 -8.17 -2.78
C GLY A 19 1.24 -8.09 -3.13
N ILE A 20 1.53 -7.23 -4.08
CA ILE A 20 2.88 -7.03 -4.58
C ILE A 20 2.93 -5.60 -5.09
N PHE A 21 4.10 -4.97 -5.01
CA PHE A 21 4.29 -3.69 -5.68
C PHE A 21 4.47 -3.90 -7.18
N ASN A 22 3.78 -3.08 -7.95
CA ASN A 22 4.02 -2.93 -9.38
C ASN A 22 4.85 -1.68 -9.66
N SER A 23 6.06 -1.86 -10.18
N SER A 23 6.05 -1.89 -10.20
CA SER A 23 6.91 -0.73 -10.58
CA SER A 23 6.97 -0.81 -10.56
C SER A 23 7.32 -0.80 -12.05
C SER A 23 7.20 -0.71 -12.06
N ILE A 24 6.64 -1.66 -12.81
CA ILE A 24 6.76 -1.70 -14.27
C ILE A 24 5.38 -1.34 -14.82
N PRO A 25 5.21 -0.10 -15.29
CA PRO A 25 3.86 0.45 -15.51
C PRO A 25 3.27 0.03 -16.85
N ASP A 26 2.99 -1.27 -16.98
CA ASP A 26 2.49 -1.84 -18.22
C ASP A 26 1.26 -2.66 -17.89
N PRO A 27 0.17 -2.50 -18.66
CA PRO A 27 -1.05 -3.24 -18.30
C PRO A 27 -0.89 -4.75 -18.35
N LEU A 28 0.01 -5.25 -19.20
CA LEU A 28 0.27 -6.70 -19.24
C LEU A 28 0.88 -7.23 -17.94
N MET A 29 1.67 -6.39 -17.26
N MET A 29 1.64 -6.38 -17.26
CA MET A 29 2.22 -6.78 -15.96
CA MET A 29 2.23 -6.74 -15.97
C MET A 29 1.12 -6.87 -14.92
C MET A 29 1.14 -6.84 -14.90
N ILE A 30 0.18 -5.92 -14.93
CA ILE A 30 -0.98 -5.99 -14.03
C ILE A 30 -1.75 -7.31 -14.26
N GLU A 31 -1.94 -7.65 -15.53
CA GLU A 31 -2.64 -8.89 -15.90
C GLU A 31 -1.86 -10.14 -15.50
N VAL A 32 -0.54 -10.11 -15.62
CA VAL A 32 0.30 -11.23 -15.20
C VAL A 32 0.28 -11.46 -13.67
N ILE A 33 0.29 -10.35 -12.94
CA ILE A 33 0.18 -10.36 -11.49
C ILE A 33 -1.19 -10.92 -11.06
N ALA A 34 -2.24 -10.50 -11.74
CA ALA A 34 -3.59 -11.05 -11.47
C ALA A 34 -3.69 -12.55 -11.76
N ALA A 35 -3.12 -12.95 -12.90
CA ALA A 35 -3.12 -14.36 -13.31
C ALA A 35 -2.35 -15.22 -12.31
N SER A 36 -1.33 -14.63 -11.70
CA SER A 36 -0.47 -15.33 -10.74
C SER A 36 -1.15 -15.61 -9.39
N GLY A 37 -2.26 -14.92 -9.14
CA GLY A 37 -3.10 -15.23 -7.97
C GLY A 37 -3.15 -14.17 -6.87
N TYR A 38 -2.44 -13.06 -7.06
CA TYR A 38 -2.49 -11.95 -6.09
C TYR A 38 -3.88 -11.37 -5.89
N ASP A 39 -4.20 -11.01 -4.65
CA ASP A 39 -5.49 -10.42 -4.29
C ASP A 39 -5.53 -8.94 -4.61
N PHE A 40 -4.39 -8.28 -4.46
CA PHE A 40 -4.28 -6.87 -4.76
C PHE A 40 -2.92 -6.53 -5.36
N VAL A 41 -2.87 -5.41 -6.04
CA VAL A 41 -1.62 -4.91 -6.57
C VAL A 41 -1.45 -3.45 -6.14
N VAL A 42 -0.27 -3.10 -5.66
CA VAL A 42 0.01 -1.72 -5.32
C VAL A 42 0.75 -1.11 -6.51
N ILE A 43 0.03 -0.38 -7.34
CA ILE A 43 0.62 0.34 -8.46
C ILE A 43 1.39 1.50 -7.86
N ASP A 44 2.70 1.51 -8.09
N ASP A 44 2.72 1.48 -7.99
CA ASP A 44 3.57 2.51 -7.50
CA ASP A 44 3.51 2.57 -7.47
C ASP A 44 3.70 3.72 -8.44
C ASP A 44 3.58 3.72 -8.45
N THR A 45 3.42 4.92 -7.92
CA THR A 45 3.67 6.15 -8.67
C THR A 45 4.67 7.10 -7.99
N GLU A 46 5.21 6.72 -6.84
CA GLU A 46 6.08 7.65 -6.11
C GLU A 46 7.41 7.85 -6.84
N HIS A 47 8.08 6.72 -7.08
CA HIS A 47 9.41 6.68 -7.70
C HIS A 47 9.28 6.51 -9.20
N VAL A 48 8.19 5.86 -9.62
CA VAL A 48 8.05 5.35 -10.99
C VAL A 48 7.78 6.49 -11.98
N ALA A 49 8.39 6.40 -13.17
CA ALA A 49 8.05 7.25 -14.30
C ALA A 49 6.76 6.73 -14.91
N ILE A 50 5.65 7.39 -14.61
CA ILE A 50 4.34 6.88 -15.04
C ILE A 50 3.33 8.00 -15.32
N ASN A 51 2.83 8.05 -16.55
CA ASN A 51 1.88 9.08 -16.97
C ASN A 51 0.54 8.85 -16.30
N ASP A 52 -0.19 9.93 -16.02
CA ASP A 52 -1.52 9.78 -15.41
C ASP A 52 -2.47 8.93 -16.24
N GLU A 53 -2.40 9.08 -17.56
CA GLU A 53 -3.22 8.27 -18.44
C GLU A 53 -2.81 6.80 -18.44
N THR A 54 -1.51 6.55 -18.25
CA THR A 54 -1.02 5.17 -18.05
C THR A 54 -1.58 4.58 -16.76
N LEU A 55 -1.50 5.34 -15.67
CA LEU A 55 -2.01 4.89 -14.38
C LEU A 55 -3.48 4.51 -14.52
N ALA A 56 -4.26 5.36 -15.21
CA ALA A 56 -5.68 5.09 -15.40
C ALA A 56 -5.86 3.77 -16.14
N HIS A 57 -4.98 3.52 -17.13
CA HIS A 57 -5.02 2.27 -17.90
C HIS A 57 -4.72 1.08 -16.99
N LEU A 58 -3.71 1.21 -16.13
CA LEU A 58 -3.36 0.11 -15.21
C LEU A 58 -4.52 -0.25 -14.25
N ILE A 59 -5.23 0.75 -13.78
CA ILE A 59 -6.39 0.52 -12.91
C ILE A 59 -7.51 -0.24 -13.64
N ARG A 60 -7.80 0.16 -14.88
CA ARG A 60 -8.72 -0.59 -15.73
C ARG A 60 -8.26 -2.03 -15.96
N ALA A 61 -6.97 -2.22 -16.25
CA ALA A 61 -6.41 -3.57 -16.39
C ALA A 61 -6.68 -4.40 -15.15
N ALA A 62 -6.43 -3.81 -13.99
CA ALA A 62 -6.72 -4.46 -12.71
C ALA A 62 -8.19 -4.86 -12.58
N GLU A 63 -9.08 -3.92 -12.85
CA GLU A 63 -10.53 -4.18 -12.79
C GLU A 63 -10.94 -5.31 -13.72
N ALA A 64 -10.47 -5.25 -14.97
CA ALA A 64 -10.79 -6.28 -15.97
C ALA A 64 -10.24 -7.66 -15.62
N ALA A 65 -9.11 -7.66 -14.90
CA ALA A 65 -8.42 -8.89 -14.48
C ALA A 65 -8.82 -9.35 -13.09
N HIS A 66 -9.77 -8.66 -12.47
CA HIS A 66 -10.28 -9.00 -11.14
C HIS A 66 -9.18 -9.05 -10.05
N ILE A 67 -8.35 -8.02 -10.04
CA ILE A 67 -7.37 -7.82 -8.96
C ILE A 67 -7.64 -6.42 -8.40
N ILE A 68 -7.60 -6.27 -7.07
CA ILE A 68 -7.82 -4.96 -6.43
C ILE A 68 -6.67 -3.98 -6.69
N PRO A 69 -6.95 -2.81 -7.32
CA PRO A 69 -5.91 -1.81 -7.56
C PRO A 69 -5.77 -0.86 -6.37
N ILE A 70 -4.59 -0.89 -5.74
CA ILE A 70 -4.20 0.07 -4.71
C ILE A 70 -3.10 0.93 -5.31
N VAL A 71 -3.09 2.22 -5.00
CA VAL A 71 -2.10 3.11 -5.59
C VAL A 71 -1.27 3.80 -4.52
N ARG A 72 0.06 3.73 -4.66
CA ARG A 72 0.91 4.57 -3.85
C ARG A 72 1.14 5.87 -4.62
N VAL A 73 0.69 6.97 -4.04
CA VAL A 73 0.79 8.28 -4.67
C VAL A 73 2.12 8.97 -4.36
N THR A 74 2.35 10.14 -4.96
CA THR A 74 3.50 10.97 -4.60
C THR A 74 3.20 11.77 -3.33
N ALA A 75 4.15 12.61 -2.94
CA ALA A 75 3.95 13.53 -1.82
C ALA A 75 2.86 14.58 -2.09
N VAL A 76 2.58 14.85 -3.36
CA VAL A 76 1.70 15.96 -3.72
C VAL A 76 0.24 15.50 -3.67
N ILE A 77 -0.22 15.19 -2.47
CA ILE A 77 -1.58 14.68 -2.26
C ILE A 77 -2.72 15.61 -2.73
N ASP A 78 -2.50 16.92 -2.69
CA ASP A 78 -3.50 17.89 -3.14
C ASP A 78 -3.74 17.86 -4.64
N ARG A 79 -2.81 17.25 -5.36
CA ARG A 79 -2.96 16.99 -6.79
C ARG A 79 -3.42 15.54 -7.02
N ASP A 80 -2.67 14.59 -6.46
CA ASP A 80 -2.81 13.17 -6.82
C ASP A 80 -4.10 12.51 -6.35
N ILE A 81 -4.52 12.79 -5.12
CA ILE A 81 -5.58 11.98 -4.51
C ILE A 81 -6.89 12.07 -5.27
N ILE A 82 -7.33 13.29 -5.60
CA ILE A 82 -8.56 13.47 -6.37
C ILE A 82 -8.53 12.73 -7.72
N LYS A 83 -7.40 12.85 -8.44
CA LYS A 83 -7.22 12.20 -9.74
C LYS A 83 -7.26 10.70 -9.59
N VAL A 84 -6.51 10.21 -8.60
CA VAL A 84 -6.32 8.79 -8.45
C VAL A 84 -7.61 8.07 -7.99
N LEU A 85 -8.39 8.72 -7.13
CA LEU A 85 -9.68 8.16 -6.75
C LEU A 85 -10.68 8.19 -7.89
N ASP A 86 -10.71 9.28 -8.65
N ASP A 86 -10.70 9.28 -8.65
CA ASP A 86 -11.62 9.38 -9.78
CA ASP A 86 -11.57 9.41 -9.83
C ASP A 86 -11.30 8.35 -10.89
C ASP A 86 -11.31 8.31 -10.84
N MET A 87 -10.03 7.93 -10.96
CA MET A 87 -9.60 6.84 -11.88
C MET A 87 -10.07 5.46 -11.41
N GLY A 88 -10.45 5.37 -10.15
CA GLY A 88 -10.99 4.12 -9.62
C GLY A 88 -10.08 3.32 -8.70
N ALA A 89 -9.02 3.93 -8.19
CA ALA A 89 -8.20 3.24 -7.20
C ALA A 89 -9.09 2.91 -6.01
N ARG A 90 -8.96 1.67 -5.52
N ARG A 90 -8.96 1.67 -5.51
CA ARG A 90 -9.78 1.19 -4.41
CA ARG A 90 -9.79 1.20 -4.40
C ARG A 90 -9.14 1.50 -3.08
C ARG A 90 -9.10 1.40 -3.07
N GLY A 91 -7.89 1.95 -3.12
CA GLY A 91 -7.12 2.31 -1.92
C GLY A 91 -5.96 3.21 -2.33
N ILE A 92 -5.51 4.06 -1.42
N ILE A 92 -5.48 4.00 -1.37
CA ILE A 92 -4.32 4.87 -1.66
CA ILE A 92 -4.38 4.96 -1.56
C ILE A 92 -3.33 4.69 -0.52
C ILE A 92 -3.33 4.75 -0.49
N ILE A 93 -2.06 4.62 -0.89
CA ILE A 93 -0.94 4.65 0.06
C ILE A 93 -0.20 5.98 -0.12
N VAL A 94 -0.09 6.75 0.96
CA VAL A 94 0.64 8.02 0.96
C VAL A 94 2.01 7.77 1.59
N PRO A 95 3.12 8.15 0.89
CA PRO A 95 4.44 7.91 1.47
C PRO A 95 4.82 8.91 2.57
N HIS A 96 5.76 8.49 3.42
CA HIS A 96 6.41 9.35 4.40
C HIS A 96 5.41 10.16 5.23
N VAL A 97 4.43 9.46 5.78
CA VAL A 97 3.48 10.10 6.70
C VAL A 97 4.21 10.32 8.02
N LYS A 98 4.25 11.58 8.45
CA LYS A 98 5.04 11.95 9.64
C LYS A 98 4.23 12.49 10.83
N ASP A 99 3.02 12.97 10.58
CA ASP A 99 2.22 13.57 11.66
C ASP A 99 0.70 13.40 11.48
N ARG A 100 -0.04 13.78 12.53
CA ARG A 100 -1.50 13.70 12.55
C ARG A 100 -2.14 14.65 11.54
N GLU A 101 -1.58 15.86 11.45
CA GLU A 101 -2.09 16.89 10.54
C GLU A 101 -2.13 16.41 9.08
N THR A 102 -1.09 15.67 8.65
CA THR A 102 -1.05 15.09 7.31
C THR A 102 -2.13 14.02 7.12
N VAL A 103 -2.27 13.13 8.10
CA VAL A 103 -3.29 12.08 8.04
C VAL A 103 -4.68 12.71 7.92
N GLU A 104 -4.96 13.72 8.76
CA GLU A 104 -6.26 14.38 8.71
C GLU A 104 -6.52 15.01 7.34
N HIS A 105 -5.47 15.54 6.72
CA HIS A 105 -5.59 16.14 5.40
C HIS A 105 -5.86 15.07 4.34
N ILE A 106 -5.15 13.95 4.42
CA ILE A 106 -5.41 12.80 3.54
C ILE A 106 -6.88 12.37 3.60
N VAL A 107 -7.41 12.24 4.82
CA VAL A 107 -8.81 11.88 5.03
C VAL A 107 -9.75 12.92 4.39
N LYS A 108 -9.43 14.20 4.58
CA LYS A 108 -10.25 15.28 4.00
C LYS A 108 -10.34 15.13 2.49
N LEU A 109 -9.22 14.80 1.88
CA LEU A 109 -9.11 14.68 0.42
C LEU A 109 -9.74 13.40 -0.15
N SER A 110 -9.79 12.36 0.67
N SER A 110 -9.80 12.36 0.67
CA SER A 110 -10.14 11.01 0.23
CA SER A 110 -10.15 11.01 0.21
C SER A 110 -11.62 10.64 0.43
C SER A 110 -11.59 10.59 0.50
N ARG A 111 -12.29 11.35 1.33
CA ARG A 111 -13.63 10.99 1.76
C ARG A 111 -14.61 12.13 1.51
N TYR A 112 -15.80 11.77 1.02
CA TYR A 112 -16.86 12.73 0.82
C TYR A 112 -17.47 13.10 2.17
N TYR A 113 -18.21 14.20 2.19
CA TYR A 113 -18.99 14.57 3.36
C TYR A 113 -19.84 13.35 3.76
N PRO A 114 -19.98 13.09 5.09
CA PRO A 114 -19.50 13.88 6.24
C PRO A 114 -18.11 13.53 6.78
N GLN A 115 -17.42 12.60 6.11
N GLN A 115 -17.44 12.57 6.16
CA GLN A 115 -16.14 12.04 6.58
CA GLN A 115 -16.16 12.12 6.66
C GLN A 115 -14.92 12.82 6.06
C GLN A 115 -15.03 13.09 6.27
N GLY A 116 -15.16 13.70 5.10
CA GLY A 116 -14.09 14.55 4.52
C GLY A 116 -14.70 15.58 3.59
N LEU A 117 -13.89 16.11 2.68
CA LEU A 117 -14.37 17.08 1.70
C LEU A 117 -13.86 16.75 0.28
N ARG A 118 -13.89 15.45 -0.07
CA ARG A 118 -13.46 15.02 -1.42
C ARG A 118 -14.28 15.73 -2.47
N SER A 119 -13.60 16.33 -3.44
N SER A 119 -13.60 16.33 -3.44
CA SER A 119 -14.24 17.17 -4.46
CA SER A 119 -14.24 17.17 -4.46
C SER A 119 -15.30 16.43 -5.25
C SER A 119 -15.33 16.41 -5.22
N LEU A 120 -16.43 17.11 -5.50
CA LEU A 120 -17.60 16.52 -6.16
C LEU A 120 -17.51 16.34 -7.69
N ASN A 121 -16.66 17.09 -8.37
CA ASN A 121 -16.48 16.88 -9.81
C ASN A 121 -17.74 17.30 -10.60
N PRO A 132 -28.27 7.14 -7.46
CA PRO A 132 -28.36 8.39 -6.70
C PRO A 132 -26.99 8.89 -6.26
N LEU A 133 -26.84 10.21 -6.20
CA LEU A 133 -25.54 10.82 -5.93
C LEU A 133 -24.99 10.54 -4.52
N LEU A 134 -25.81 10.78 -3.50
CA LEU A 134 -25.42 10.56 -2.11
C LEU A 134 -25.09 9.10 -1.83
N ASP A 135 -25.85 8.19 -2.41
CA ASP A 135 -25.62 6.75 -2.26
C ASP A 135 -24.24 6.33 -2.81
N ALA A 136 -23.89 6.87 -3.97
CA ALA A 136 -22.58 6.63 -4.58
C ALA A 136 -21.43 7.17 -3.74
N MET A 137 -21.61 8.37 -3.18
CA MET A 137 -20.65 8.95 -2.24
C MET A 137 -20.47 8.06 -1.02
N GLU A 138 -21.58 7.62 -0.45
CA GLU A 138 -21.58 6.76 0.72
C GLU A 138 -20.83 5.45 0.45
N MET A 139 -21.12 4.83 -0.70
CA MET A 139 -20.46 3.59 -1.10
C MET A 139 -18.95 3.79 -1.29
N ALA A 140 -18.57 4.92 -1.88
CA ALA A 140 -17.15 5.26 -2.04
C ALA A 140 -16.46 5.30 -0.69
N ASN A 141 -17.04 6.05 0.25
CA ASN A 141 -16.46 6.21 1.59
C ASN A 141 -16.34 4.88 2.34
N GLU A 142 -17.33 4.03 2.15
CA GLU A 142 -17.45 2.74 2.80
C GLU A 142 -16.33 1.79 2.37
N HIS A 143 -15.92 1.89 1.10
CA HIS A 143 -15.03 0.88 0.51
C HIS A 143 -13.59 1.31 0.26
N ILE A 144 -13.36 2.61 0.19
N ILE A 144 -13.33 2.62 0.18
CA ILE A 144 -12.02 3.15 0.00
CA ILE A 144 -11.99 3.13 -0.10
C ILE A 144 -11.13 2.75 1.17
C ILE A 144 -11.05 3.02 1.09
N MET A 145 -9.89 2.39 0.88
CA MET A 145 -8.87 2.22 1.93
C MET A 145 -7.91 3.39 1.93
N VAL A 146 -7.87 4.09 3.07
CA VAL A 146 -6.88 5.14 3.29
C VAL A 146 -5.71 4.54 4.07
N ILE A 147 -4.53 4.55 3.45
CA ILE A 147 -3.35 3.84 3.96
C ILE A 147 -2.15 4.78 4.06
N ALA A 148 -1.51 4.78 5.24
CA ALA A 148 -0.33 5.61 5.45
C ALA A 148 0.93 4.75 5.53
N MET A 149 1.96 5.13 4.79
N MET A 149 1.96 5.07 4.77
CA MET A 149 3.28 4.56 4.93
CA MET A 149 3.22 4.38 5.00
C MET A 149 3.92 5.13 6.19
C MET A 149 3.99 5.08 6.11
N ILE A 150 4.44 4.27 7.07
CA ILE A 150 5.24 4.73 8.22
C ILE A 150 6.67 4.28 7.98
N GLU A 151 7.54 5.23 7.65
CA GLU A 151 8.87 4.91 7.11
C GLU A 151 9.95 5.92 7.50
N ASP A 152 9.68 6.72 8.52
N ASP A 152 9.63 6.73 8.51
CA ASP A 152 10.72 7.56 9.08
CA ASP A 152 10.54 7.72 9.09
C ASP A 152 10.48 7.70 10.56
C ASP A 152 10.51 7.56 10.60
N VAL A 153 11.54 8.03 11.29
CA VAL A 153 11.52 8.08 12.74
C VAL A 153 10.39 8.99 13.27
N GLU A 154 10.14 10.10 12.58
N GLU A 154 10.12 10.10 12.60
CA GLU A 154 9.09 11.04 12.98
CA GLU A 154 9.07 11.02 13.06
C GLU A 154 7.75 10.32 13.06
C GLU A 154 7.68 10.41 13.01
N GLY A 155 7.44 9.56 12.01
CA GLY A 155 6.19 8.82 11.89
C GLY A 155 6.02 7.74 12.95
N VAL A 156 7.11 7.06 13.30
CA VAL A 156 7.07 6.07 14.37
C VAL A 156 6.84 6.78 15.71
N MET A 157 7.51 7.91 15.90
CA MET A 157 7.33 8.65 17.14
C MET A 157 5.91 9.20 17.29
N ALA A 158 5.30 9.57 16.18
CA ALA A 158 3.94 10.15 16.19
C ALA A 158 2.84 9.10 15.93
N ILE A 159 3.20 7.83 16.02
CA ILE A 159 2.29 6.75 15.65
C ILE A 159 0.98 6.75 16.45
N ASP A 160 1.03 7.03 17.75
CA ASP A 160 -0.21 7.05 18.55
C ASP A 160 -1.22 8.12 18.09
N ASP A 161 -0.70 9.30 17.73
N ASP A 161 -0.71 9.30 17.75
CA ASP A 161 -1.53 10.41 17.24
CA ASP A 161 -1.55 10.38 17.22
C ASP A 161 -2.02 10.13 15.81
C ASP A 161 -2.06 10.04 15.83
N ILE A 162 -1.19 9.46 15.02
CA ILE A 162 -1.52 9.07 13.65
C ILE A 162 -2.64 8.02 13.62
N ALA A 163 -2.45 6.97 14.42
CA ALA A 163 -3.32 5.78 14.41
C ALA A 163 -4.76 6.06 14.84
N GLN A 164 -4.96 7.10 15.66
CA GLN A 164 -6.29 7.40 16.16
C GLN A 164 -7.11 8.36 15.28
N VAL A 165 -6.56 8.76 14.13
CA VAL A 165 -7.30 9.64 13.21
C VAL A 165 -8.45 8.83 12.60
N GLU A 166 -9.68 9.30 12.79
CA GLU A 166 -10.83 8.65 12.19
C GLU A 166 -10.72 8.76 10.67
N GLY A 167 -10.84 7.64 9.98
CA GLY A 167 -10.76 7.63 8.54
C GLY A 167 -9.46 7.04 8.03
N LEU A 168 -8.46 6.94 8.89
CA LEU A 168 -7.25 6.20 8.55
C LEU A 168 -7.52 4.71 8.77
N ASP A 169 -7.36 3.90 7.72
CA ASP A 169 -7.76 2.49 7.77
C ASP A 169 -6.62 1.55 8.11
N MET A 170 -5.42 1.90 7.63
CA MET A 170 -4.31 0.96 7.59
C MET A 170 -2.97 1.68 7.60
N ILE A 171 -1.98 1.05 8.22
CA ILE A 171 -0.60 1.50 8.15
C ILE A 171 0.23 0.40 7.49
N VAL A 172 1.19 0.79 6.65
CA VAL A 172 2.14 -0.12 6.03
C VAL A 172 3.56 0.22 6.49
N GLU A 173 4.29 -0.78 6.95
CA GLU A 173 5.70 -0.61 7.32
C GLU A 173 6.61 -0.34 6.11
N GLY A 174 7.47 0.68 6.22
CA GLY A 174 8.52 0.93 5.23
C GLY A 174 9.90 0.80 5.85
N ALA A 175 10.30 -0.44 6.10
CA ALA A 175 11.57 -0.74 6.81
C ALA A 175 12.82 -0.17 6.14
N ALA A 176 12.85 -0.18 4.82
CA ALA A 176 13.99 0.33 4.06
C ALA A 176 14.24 1.81 4.36
N ASP A 177 13.26 2.66 4.07
CA ASP A 177 13.40 4.08 4.34
C ASP A 177 13.50 4.40 5.83
N LEU A 178 12.84 3.60 6.68
CA LEU A 178 13.01 3.76 8.12
C LEU A 178 14.47 3.56 8.53
N SER A 179 15.12 2.56 7.95
CA SER A 179 16.52 2.28 8.29
C SER A 179 17.42 3.48 7.94
N GLN A 180 17.17 4.11 6.79
CA GLN A 180 17.95 5.29 6.41
C GLN A 180 17.66 6.48 7.34
N SER A 181 16.38 6.64 7.74
CA SER A 181 15.96 7.64 8.72
C SER A 181 16.70 7.46 10.05
N LEU A 182 17.00 6.21 10.40
CA LEU A 182 17.73 5.87 11.62
C LEU A 182 19.24 5.93 11.46
N GLY A 183 19.69 6.36 10.28
CA GLY A 183 21.13 6.46 10.00
C GLY A 183 21.81 5.12 9.76
N ILE A 184 21.00 4.10 9.50
CA ILE A 184 21.53 2.76 9.22
C ILE A 184 20.89 2.17 7.95
N PRO A 185 21.06 2.86 6.80
CA PRO A 185 20.32 2.49 5.59
C PRO A 185 20.59 1.03 5.17
N TRP A 186 19.49 0.30 4.96
CA TRP A 186 19.51 -1.11 4.53
C TRP A 186 19.80 -2.13 5.63
N GLN A 187 20.01 -1.65 6.86
CA GLN A 187 20.18 -2.54 8.02
C GLN A 187 18.81 -2.87 8.59
N THR A 188 17.94 -3.38 7.72
CA THR A 188 16.53 -3.61 8.05
C THR A 188 16.32 -4.78 9.02
N ARG A 189 17.39 -5.56 9.25
CA ARG A 189 17.35 -6.70 10.15
C ARG A 189 17.79 -6.28 11.56
N ASP A 190 18.31 -5.05 11.67
CA ASP A 190 18.76 -4.49 12.95
C ASP A 190 17.60 -4.42 13.93
N ASP A 191 17.90 -4.73 15.21
CA ASP A 191 16.91 -4.67 16.28
C ASP A 191 16.21 -3.30 16.38
N GLN A 192 16.95 -2.23 16.07
CA GLN A 192 16.35 -0.89 16.03
C GLN A 192 15.16 -0.83 15.09
N VAL A 193 15.36 -1.32 13.87
CA VAL A 193 14.33 -1.28 12.84
C VAL A 193 13.17 -2.19 13.22
N THR A 194 13.48 -3.44 13.57
CA THR A 194 12.41 -4.40 13.88
C THR A 194 11.61 -4.01 15.13
N SER A 195 12.27 -3.42 16.14
CA SER A 195 11.52 -3.01 17.35
C SER A 195 10.58 -1.85 17.06
N HIS A 196 11.04 -0.88 16.26
CA HIS A 196 10.17 0.19 15.80
C HIS A 196 8.97 -0.31 14.99
N VAL A 197 9.21 -1.24 14.06
CA VAL A 197 8.12 -1.83 13.27
C VAL A 197 7.16 -2.58 14.21
N GLN A 198 7.70 -3.34 15.16
CA GLN A 198 6.84 -4.04 16.12
C GLN A 198 5.99 -3.05 16.92
N HIS A 199 6.60 -1.94 17.35
CA HIS A 199 5.86 -0.89 18.04
C HIS A 199 4.74 -0.31 17.18
N ILE A 200 5.06 0.02 15.92
CA ILE A 200 4.06 0.54 14.96
C ILE A 200 2.84 -0.40 14.95
N PHE A 201 3.10 -1.69 14.78
CA PHE A 201 2.01 -2.67 14.75
C PHE A 201 1.15 -2.63 16.02
N GLU A 202 1.80 -2.74 17.19
N GLU A 202 1.79 -2.73 17.18
CA GLU A 202 1.09 -2.79 18.47
CA GLU A 202 1.08 -2.80 18.47
C GLU A 202 0.18 -1.58 18.68
C GLU A 202 0.19 -1.57 18.71
N VAL A 203 0.69 -0.38 18.38
CA VAL A 203 -0.10 0.86 18.50
C VAL A 203 -1.27 0.90 17.49
N VAL A 204 -0.99 0.59 16.23
CA VAL A 204 -2.01 0.49 15.17
C VAL A 204 -3.12 -0.49 15.57
N ASN A 205 -2.70 -1.66 16.03
CA ASN A 205 -3.62 -2.71 16.43
C ASN A 205 -4.47 -2.31 17.64
N ALA A 206 -3.86 -1.61 18.60
CA ALA A 206 -4.57 -1.10 19.78
C ALA A 206 -5.69 -0.13 19.40
N HIS A 207 -5.48 0.65 18.34
CA HIS A 207 -6.49 1.60 17.88
C HIS A 207 -7.49 1.01 16.86
N GLY A 208 -7.52 -0.32 16.78
CA GLY A 208 -8.44 -1.03 15.90
C GLY A 208 -8.24 -0.82 14.42
N LYS A 209 -7.01 -0.51 14.00
CA LYS A 209 -6.71 -0.32 12.60
C LYS A 209 -5.93 -1.51 12.04
N HIS A 210 -5.86 -1.60 10.71
CA HIS A 210 -5.16 -2.68 10.04
C HIS A 210 -3.67 -2.37 9.88
N PHE A 211 -2.84 -3.40 10.01
CA PHE A 211 -1.41 -3.32 9.71
C PHE A 211 -1.10 -4.12 8.44
N CYS A 212 -0.26 -3.57 7.57
CA CYS A 212 0.23 -4.28 6.40
C CYS A 212 1.74 -4.53 6.49
N ALA A 213 2.09 -5.80 6.53
CA ALA A 213 3.47 -6.27 6.62
C ALA A 213 4.13 -6.39 5.25
N LEU A 214 5.43 -6.10 5.20
CA LEU A 214 6.25 -6.44 4.05
C LEU A 214 7.24 -7.49 4.52
N PRO A 215 6.81 -8.76 4.61
CA PRO A 215 7.71 -9.78 5.14
C PRO A 215 8.93 -9.99 4.25
N ARG A 216 10.10 -10.09 4.85
CA ARG A 216 11.34 -10.34 4.12
C ARG A 216 11.31 -11.75 3.48
N GLU A 217 10.88 -12.73 4.27
CA GLU A 217 10.88 -14.12 3.84
C GLU A 217 9.54 -14.75 4.18
N ASP A 218 9.24 -15.88 3.53
CA ASP A 218 7.97 -16.57 3.73
C ASP A 218 7.65 -16.86 5.20
N GLU A 219 8.67 -17.22 5.98
CA GLU A 219 8.44 -17.55 7.39
C GLU A 219 7.87 -16.37 8.19
N ASP A 220 8.24 -15.15 7.79
CA ASP A 220 7.74 -13.94 8.44
C ASP A 220 6.24 -13.78 8.31
N ILE A 221 5.64 -14.39 7.28
CA ILE A 221 4.19 -14.31 7.07
C ILE A 221 3.46 -15.00 8.24
N ALA A 222 3.90 -16.21 8.58
CA ALA A 222 3.35 -16.96 9.71
C ALA A 222 3.46 -16.19 11.03
N LYS A 223 4.64 -15.60 11.27
CA LYS A 223 4.93 -14.84 12.48
C LYS A 223 3.97 -13.65 12.65
N TRP A 224 3.74 -12.93 11.55
CA TRP A 224 2.77 -11.82 11.55
C TRP A 224 1.32 -12.28 11.64
N GLN A 225 0.98 -13.33 10.89
CA GLN A 225 -0.37 -13.87 10.84
C GLN A 225 -0.85 -14.31 12.22
N ALA A 226 0.07 -14.88 12.99
CA ALA A 226 -0.26 -15.35 14.34
C ALA A 226 -0.66 -14.21 15.28
N GLN A 227 -0.21 -12.99 14.98
CA GLN A 227 -0.57 -11.82 15.81
C GLN A 227 -1.80 -11.10 15.27
N GLY A 228 -2.36 -11.64 14.18
CA GLY A 228 -3.61 -11.17 13.61
C GLY A 228 -3.48 -10.31 12.37
N VAL A 229 -2.27 -10.16 11.84
CA VAL A 229 -2.07 -9.45 10.57
C VAL A 229 -2.69 -10.24 9.42
N GLN A 230 -3.43 -9.54 8.55
CA GLN A 230 -4.15 -10.16 7.43
C GLN A 230 -3.62 -9.73 6.07
N THR A 231 -2.89 -8.61 6.05
CA THR A 231 -2.45 -7.98 4.80
C THR A 231 -0.94 -8.07 4.61
N PHE A 232 -0.53 -8.54 3.44
CA PHE A 232 0.87 -8.80 3.16
C PHE A 232 1.24 -8.34 1.78
N ILE A 233 2.27 -7.50 1.70
CA ILE A 233 2.86 -7.17 0.41
C ILE A 233 4.14 -7.97 0.26
N LEU A 234 4.19 -8.82 -0.75
CA LEU A 234 5.32 -9.70 -0.96
C LEU A 234 6.24 -9.14 -2.03
N GLY A 235 6.97 -8.08 -1.70
CA GLY A 235 7.99 -7.52 -2.58
C GLY A 235 7.44 -6.70 -3.72
N ASP A 236 8.23 -6.61 -4.79
CA ASP A 236 7.83 -5.84 -5.96
C ASP A 236 8.15 -6.64 -7.21
N ASP A 237 7.36 -6.43 -8.27
CA ASP A 237 7.54 -7.22 -9.49
C ASP A 237 8.97 -7.14 -10.07
N ARG A 238 9.49 -5.93 -10.23
CA ARG A 238 10.80 -5.71 -10.84
C ARG A 238 11.90 -6.51 -10.14
N GLY A 239 11.93 -6.45 -8.81
CA GLY A 239 12.92 -7.19 -8.02
C GLY A 239 12.80 -8.69 -8.18
N LYS A 240 11.59 -9.21 -8.04
CA LYS A 240 11.37 -10.65 -8.22
C LYS A 240 11.76 -11.14 -9.62
N ILE A 241 11.42 -10.35 -10.64
CA ILE A 241 11.67 -10.73 -12.03
C ILE A 241 13.19 -10.80 -12.29
N TYR A 242 13.90 -9.76 -11.89
CA TYR A 242 15.37 -9.73 -12.05
C TYR A 242 16.00 -10.95 -11.35
N ARG A 243 15.63 -11.18 -10.10
CA ARG A 243 16.20 -12.29 -9.34
C ARG A 243 15.89 -13.65 -9.98
N HIS A 244 14.67 -13.83 -10.46
CA HIS A 244 14.31 -15.09 -11.14
C HIS A 244 15.03 -15.22 -12.49
N LEU A 245 14.94 -14.20 -13.33
CA LEU A 245 15.57 -14.29 -14.66
C LEU A 245 17.07 -14.45 -14.56
N SER A 246 17.70 -13.75 -13.62
CA SER A 246 19.17 -13.86 -13.50
C SER A 246 19.61 -15.23 -12.99
N ALA A 247 18.86 -15.78 -12.03
CA ALA A 247 19.13 -17.12 -11.47
C ALA A 247 18.88 -18.19 -12.53
N SER A 248 17.74 -18.08 -13.20
CA SER A 248 17.33 -19.03 -14.23
C SER A 248 18.35 -19.08 -15.37
N LEU A 249 18.76 -17.92 -15.86
CA LEU A 249 19.74 -17.85 -16.95
C LEU A 249 21.10 -18.44 -16.57
N ALA A 250 21.58 -18.12 -15.36
CA ALA A 250 22.85 -18.65 -14.90
C ALA A 250 22.82 -20.17 -14.86
N THR A 251 21.70 -20.73 -14.40
CA THR A 251 21.52 -22.17 -14.33
C THR A 251 21.48 -22.80 -15.73
N SER A 252 20.78 -22.13 -16.64
CA SER A 252 20.72 -22.56 -18.04
C SER A 252 22.10 -22.63 -18.68
N LYS A 253 22.89 -21.57 -18.51
CA LYS A 253 24.24 -21.50 -19.09
C LYS A 253 25.22 -22.55 -18.53
N GLN A 254 25.03 -22.92 -17.27
CA GLN A 254 25.86 -23.97 -16.66
C GLN A 254 25.46 -25.35 -17.20
N LYS A 255 24.15 -25.59 -17.28
CA LYS A 255 23.62 -26.86 -17.79
C LYS A 255 23.96 -27.10 -19.26
N GLY A 256 23.98 -26.03 -20.04
CA GLY A 256 24.30 -26.11 -21.46
C GLY A 256 25.74 -26.52 -21.71
N ASP A 257 26.63 -26.05 -20.84
CA ASP A 257 28.06 -26.35 -20.94
C ASP A 257 28.42 -27.64 -20.19
N GLU A 258 27.39 -28.36 -19.75
CA GLU A 258 27.47 -29.69 -19.11
C GLU A 258 27.64 -29.59 -17.60
CA CA B . 9.75 4.51 0.61
CA CA C . -10.87 -1.14 -0.93
#